data_6AED
#
_entry.id   6AED
#
_cell.length_a   172.196
_cell.length_b   172.196
_cell.length_c   65.602
_cell.angle_alpha   90.00
_cell.angle_beta   90.00
_cell.angle_gamma   120.00
#
_symmetry.space_group_name_H-M   'P 61'
#
_entity_poly.entity_id   1
_entity_poly.type   'polypeptide(L)'
_entity_poly.pdbx_seq_one_letter_code
;GIQPKPTLWAEPDSVITQGSPVTLSCQGSLEAQEYRLYREKKSASWITRIRPELVKNGQFHIPSITWEHTGRYGCQYYSR
ARWSELSDPLVLVMTGAYPKPTLSAQPSPVVTSGGRVTLQCESQVAFGGFILCKEGEEEHPQCLNSQPHARGSSRAIFSV
GPVSPNRRWSHRCYGYDLNSPYVWSSPSDLLELLVPGVSKKPSLSVQPGPVMAPGESLTLQCVSDVGYDRFVLYKEGERD
LRQLPGRQPQAGLSQANFTLGPVSRSYGGQYRCYGAHNLSSECSAPSDPLDILITGQIRGTPFISVQPGPTVASGENVTL
LCQSWRQFHTFLLTKAGAADAPLRLRSIHEYPKYQAEFPMSPVTSAHAGTYRCYGSLNSDPYLLSHPSEPLELVVS
;
_entity_poly.pdbx_strand_id   A
#
# COMPACT_ATOMS: atom_id res chain seq x y z
N ILE A 2 -8.87 30.58 43.94
CA ILE A 2 -9.31 29.32 43.37
C ILE A 2 -8.10 28.41 43.12
N GLN A 3 -7.09 28.93 42.40
CA GLN A 3 -5.83 28.26 42.11
C GLN A 3 -6.03 26.85 41.55
N PRO A 4 -6.54 26.71 40.33
CA PRO A 4 -6.63 25.38 39.73
C PRO A 4 -5.33 24.94 39.10
N LYS A 5 -5.22 23.63 38.85
CA LYS A 5 -4.08 23.10 38.11
C LYS A 5 -4.10 23.63 36.69
N PRO A 6 -3.01 24.23 36.21
CA PRO A 6 -3.01 24.76 34.85
C PRO A 6 -2.95 23.64 33.81
N THR A 7 -3.30 23.99 32.58
CA THR A 7 -3.16 23.08 31.46
C THR A 7 -2.09 23.61 30.50
N LEU A 8 -1.27 22.69 29.99
CA LEU A 8 -0.20 23.01 29.05
C LEU A 8 -0.45 22.27 27.75
N TRP A 9 -0.49 23.01 26.64
CA TRP A 9 -0.88 22.42 25.37
C TRP A 9 -0.12 23.10 24.24
N ALA A 10 0.01 22.38 23.13
CA ALA A 10 0.80 22.84 21.98
C ALA A 10 -0.09 23.12 20.79
N GLU A 11 0.28 24.14 20.02
CA GLU A 11 -0.40 24.50 18.79
C GLU A 11 0.64 24.63 17.67
N PRO A 12 0.39 24.03 16.50
CA PRO A 12 -0.83 23.29 16.15
C PRO A 12 -0.82 21.84 16.63
N ASP A 13 0.34 21.34 17.05
CA ASP A 13 0.45 19.97 17.53
C ASP A 13 1.76 19.82 18.28
N SER A 14 1.84 18.78 19.10
CA SER A 14 3.08 18.44 19.79
C SER A 14 4.05 17.66 18.91
N VAL A 15 3.66 17.35 17.67
CA VAL A 15 4.55 16.73 16.68
C VAL A 15 4.74 17.73 15.55
N ILE A 16 5.95 18.29 15.46
CA ILE A 16 6.25 19.36 14.51
C ILE A 16 7.52 19.02 13.76
N THR A 17 7.47 19.12 12.43
CA THR A 17 8.66 18.94 11.62
C THR A 17 9.69 20.04 11.92
N GLN A 18 10.96 19.71 11.74
CA GLN A 18 12.02 20.65 12.09
C GLN A 18 11.93 21.91 11.23
N GLY A 19 12.23 23.06 11.84
CA GLY A 19 12.11 24.35 11.20
C GLY A 19 10.72 24.94 11.26
N SER A 20 9.68 24.11 11.20
CA SER A 20 8.32 24.59 11.26
C SER A 20 8.01 25.18 12.64
N PRO A 21 7.10 26.15 12.71
CA PRO A 21 6.83 26.81 13.99
C PRO A 21 5.86 26.03 14.87
N VAL A 22 6.01 26.24 16.17
CA VAL A 22 5.10 25.69 17.17
C VAL A 22 4.97 26.71 18.30
N THR A 23 3.81 26.71 18.96
CA THR A 23 3.53 27.64 20.03
C THR A 23 2.85 26.89 21.17
N LEU A 24 3.44 26.97 22.36
CA LEU A 24 2.84 26.36 23.54
C LEU A 24 2.02 27.39 24.29
N SER A 25 1.18 26.92 25.20
CA SER A 25 0.28 27.80 25.94
C SER A 25 -0.01 27.22 27.30
N CYS A 26 0.17 28.03 28.33
CA CYS A 26 -0.22 27.70 29.70
C CYS A 26 -1.53 28.38 30.02
N GLN A 27 -2.43 27.65 30.68
CA GLN A 27 -3.78 28.12 30.96
C GLN A 27 -4.05 27.97 32.46
N GLY A 28 -3.98 29.09 33.18
CA GLY A 28 -4.28 29.08 34.60
C GLY A 28 -5.56 29.81 34.93
N SER A 29 -5.59 30.47 36.09
CA SER A 29 -6.73 31.28 36.47
C SER A 29 -6.67 32.65 35.77
N LEU A 30 -7.72 33.44 35.97
CA LEU A 30 -7.70 34.82 35.50
C LEU A 30 -6.80 35.70 36.37
N GLU A 31 -6.38 35.20 37.54
CA GLU A 31 -5.46 35.88 38.42
C GLU A 31 -4.00 35.61 38.08
N ALA A 32 -3.73 35.14 36.86
CA ALA A 32 -2.38 34.73 36.47
C ALA A 32 -1.46 35.94 36.43
N GLN A 33 -0.50 36.00 37.36
CA GLN A 33 0.47 37.09 37.41
C GLN A 33 1.75 36.73 36.65
N GLU A 34 2.39 35.63 37.03
CA GLU A 34 3.65 35.20 36.43
C GLU A 34 3.53 33.75 35.98
N TYR A 35 4.32 33.38 34.97
CA TYR A 35 4.24 32.06 34.34
C TYR A 35 5.63 31.42 34.33
N ARG A 36 5.78 30.31 35.06
CA ARG A 36 6.95 29.46 34.96
C ARG A 36 6.69 28.34 33.96
N LEU A 37 7.71 28.00 33.17
CA LEU A 37 7.60 26.92 32.20
C LEU A 37 8.92 26.16 32.19
N TYR A 38 8.87 24.88 32.53
CA TYR A 38 10.08 24.07 32.64
C TYR A 38 10.19 23.09 31.47
N ARG A 39 11.41 22.61 31.26
CA ARG A 39 11.72 21.57 30.28
C ARG A 39 12.25 20.34 31.00
N GLU A 40 12.36 19.23 30.28
CA GLU A 40 13.06 18.04 30.74
C GLU A 40 13.33 17.12 29.56
N LYS A 41 14.56 16.65 29.42
CA LYS A 41 14.93 15.77 28.33
C LYS A 41 15.42 14.41 28.79
N LYS A 42 16.06 14.33 29.95
CA LYS A 42 16.54 13.08 30.52
C LYS A 42 16.31 13.09 32.02
N SER A 43 16.17 11.91 32.60
CA SER A 43 15.97 11.80 34.04
C SER A 43 17.20 12.31 34.80
N ALA A 44 18.32 12.54 34.13
CA ALA A 44 19.42 13.32 34.68
C ALA A 44 19.82 14.42 33.68
N SER A 45 19.16 15.58 33.77
CA SER A 45 19.62 16.79 33.09
C SER A 45 19.22 17.99 33.95
N TRP A 46 19.70 19.18 33.56
CA TRP A 46 19.85 20.13 34.67
C TRP A 46 18.63 20.60 35.47
N ILE A 47 17.62 21.32 34.92
CA ILE A 47 16.25 20.99 34.54
C ILE A 47 15.99 21.51 33.12
N THR A 48 16.90 22.37 32.63
CA THR A 48 16.69 23.27 31.47
C THR A 48 15.40 24.12 31.57
N ARG A 49 15.31 24.97 32.61
CA ARG A 49 14.16 25.88 32.75
C ARG A 49 14.12 26.97 31.67
N ILE A 50 12.93 27.26 31.15
CA ILE A 50 12.75 28.21 30.06
C ILE A 50 12.79 29.65 30.59
N ARG A 51 13.63 30.48 29.96
CA ARG A 51 13.84 31.85 30.42
C ARG A 51 12.56 32.69 30.30
N PRO A 52 12.35 33.63 31.22
CA PRO A 52 11.15 34.49 31.16
C PRO A 52 11.12 35.45 29.99
N GLU A 53 12.26 35.74 29.34
CA GLU A 53 12.26 36.62 28.18
C GLU A 53 11.50 36.03 27.00
N LEU A 54 11.08 34.77 27.09
CA LEU A 54 10.35 34.10 26.02
C LEU A 54 8.92 33.71 26.41
N VAL A 55 8.59 33.74 27.70
CA VAL A 55 7.24 33.39 28.17
C VAL A 55 6.43 34.68 28.19
N LYS A 56 5.74 34.95 27.09
CA LYS A 56 4.94 36.16 26.93
C LYS A 56 3.46 35.79 27.01
N ASN A 57 2.83 36.15 28.13
CA ASN A 57 1.41 35.85 28.38
C ASN A 57 1.14 34.35 28.30
N GLY A 58 2.06 33.56 28.86
CA GLY A 58 1.93 32.12 28.88
C GLY A 58 2.28 31.41 27.60
N GLN A 59 2.30 32.10 26.46
CA GLN A 59 2.55 31.49 25.17
C GLN A 59 4.05 31.53 24.87
N PHE A 60 4.69 30.36 24.87
CA PHE A 60 6.10 30.22 24.53
C PHE A 60 6.19 29.86 23.05
N HIS A 61 6.62 30.81 22.22
CA HIS A 61 6.64 30.65 20.78
C HIS A 61 7.99 30.14 20.30
N ILE A 62 7.98 29.11 19.48
CA ILE A 62 9.18 28.54 18.87
C ILE A 62 9.05 28.71 17.35
N PRO A 63 9.69 29.74 16.79
CA PRO A 63 9.62 29.94 15.33
C PRO A 63 10.28 28.83 14.52
N SER A 64 11.51 28.47 14.88
CA SER A 64 12.27 27.43 14.20
C SER A 64 12.62 26.35 15.21
N ILE A 65 11.87 25.25 15.20
CA ILE A 65 12.11 24.18 16.17
C ILE A 65 13.33 23.39 15.74
N THR A 66 14.17 23.03 16.72
CA THR A 66 15.35 22.20 16.53
C THR A 66 15.28 21.01 17.47
N TRP A 67 16.33 20.19 17.52
CA TRP A 67 16.36 19.06 18.44
C TRP A 67 16.93 19.45 19.79
N GLU A 68 16.90 20.75 20.10
CA GLU A 68 17.10 21.28 21.44
C GLU A 68 15.77 21.48 22.16
N HIS A 69 14.74 21.92 21.42
CA HIS A 69 13.45 22.26 22.03
C HIS A 69 12.66 21.03 22.50
N THR A 70 12.90 19.87 21.90
CA THR A 70 12.14 18.68 22.27
C THR A 70 12.35 18.34 23.75
N GLY A 71 11.34 17.76 24.35
CA GLY A 71 11.39 17.37 25.75
C GLY A 71 10.03 17.45 26.40
N ARG A 72 10.01 17.13 27.69
CA ARG A 72 8.80 17.18 28.49
C ARG A 72 8.67 18.55 29.13
N TYR A 73 7.55 19.22 28.91
CA TYR A 73 7.29 20.54 29.47
C TYR A 73 6.24 20.48 30.56
N GLY A 74 6.31 21.43 31.49
CA GLY A 74 5.25 21.62 32.46
C GLY A 74 5.26 23.02 33.01
N CYS A 75 4.10 23.68 33.01
CA CYS A 75 4.03 25.08 33.44
C CYS A 75 3.42 25.20 34.83
N GLN A 76 3.60 26.38 35.41
CA GLN A 76 3.24 26.63 36.80
C GLN A 76 3.18 28.14 36.99
N TYR A 77 2.06 28.65 37.52
CA TYR A 77 1.89 30.09 37.61
C TYR A 77 1.73 30.54 39.05
N TYR A 78 1.83 31.85 39.26
CA TYR A 78 1.81 32.49 40.57
C TYR A 78 0.50 33.25 40.73
N SER A 79 -0.18 33.02 41.86
CA SER A 79 -1.46 33.66 42.10
C SER A 79 -1.75 33.61 43.60
N ARG A 80 -2.08 34.75 44.19
CA ARG A 80 -2.43 34.85 45.60
C ARG A 80 -1.31 34.32 46.50
N ALA A 81 -0.09 34.82 46.25
CA ALA A 81 1.11 34.43 47.01
C ALA A 81 1.37 32.93 46.96
N ARG A 82 0.87 32.26 45.92
CA ARG A 82 0.96 30.81 45.79
C ARG A 82 1.45 30.45 44.39
N TRP A 83 2.42 29.54 44.32
CA TRP A 83 2.78 28.93 43.05
C TRP A 83 1.82 27.77 42.78
N SER A 84 1.27 27.72 41.57
CA SER A 84 0.34 26.66 41.23
C SER A 84 1.06 25.32 41.17
N GLU A 85 0.28 24.25 41.04
CA GLU A 85 0.88 22.95 40.81
C GLU A 85 1.42 22.87 39.38
N LEU A 86 2.29 21.89 39.15
CA LEU A 86 2.82 21.67 37.82
C LEU A 86 1.73 21.10 36.91
N SER A 87 1.54 21.71 35.75
CA SER A 87 0.57 21.22 34.78
C SER A 87 0.95 19.80 34.34
N ASP A 88 -0.03 19.11 33.78
CA ASP A 88 0.24 17.78 33.24
C ASP A 88 1.30 17.90 32.16
N PRO A 89 2.32 17.04 32.17
CA PRO A 89 3.46 17.26 31.28
C PRO A 89 3.08 17.14 29.80
N LEU A 90 3.71 18.00 29.00
CA LEU A 90 3.55 18.00 27.55
C LEU A 90 4.85 17.54 26.90
N VAL A 91 4.74 16.57 26.00
CA VAL A 91 5.89 16.00 25.32
C VAL A 91 5.98 16.62 23.94
N LEU A 92 6.92 17.54 23.75
CA LEU A 92 7.17 18.17 22.47
C LEU A 92 8.13 17.30 21.67
N VAL A 93 7.71 16.89 20.47
CA VAL A 93 8.45 15.96 19.64
C VAL A 93 8.65 16.55 18.25
N MET A 94 9.86 16.41 17.71
CA MET A 94 10.19 16.92 16.39
C MET A 94 10.41 15.76 15.42
N THR A 95 9.94 15.94 14.19
CA THR A 95 10.08 14.96 13.13
C THR A 95 10.89 15.55 11.97
N GLY A 96 11.24 14.69 11.04
CA GLY A 96 11.91 15.12 9.82
C GLY A 96 13.42 15.22 9.90
N ALA A 97 14.04 14.71 10.97
CA ALA A 97 15.49 14.82 11.10
C ALA A 97 16.22 13.72 10.34
N TYR A 98 15.64 12.54 10.25
CA TYR A 98 16.26 11.39 9.61
C TYR A 98 15.53 11.01 8.35
N PRO A 99 16.15 10.21 7.47
CA PRO A 99 15.40 9.68 6.31
C PRO A 99 14.23 8.80 6.76
N LYS A 100 13.16 8.83 5.97
CA LYS A 100 11.92 8.16 6.36
C LYS A 100 12.05 6.65 6.15
N PRO A 101 11.58 5.85 7.09
CA PRO A 101 11.59 4.39 6.92
C PRO A 101 10.40 3.95 6.08
N THR A 102 10.29 2.64 5.88
CA THR A 102 9.25 2.05 5.05
C THR A 102 8.34 1.19 5.92
N LEU A 103 7.04 1.47 5.88
CA LEU A 103 6.05 0.74 6.65
C LEU A 103 5.40 -0.33 5.77
N SER A 104 5.19 -1.51 6.34
CA SER A 104 4.64 -2.63 5.60
C SER A 104 3.78 -3.47 6.53
N ALA A 105 2.97 -4.35 5.94
CA ALA A 105 2.01 -5.15 6.68
C ALA A 105 2.33 -6.63 6.50
N GLN A 106 2.65 -7.31 7.61
CA GLN A 106 2.92 -8.74 7.60
C GLN A 106 1.68 -9.49 8.08
N PRO A 107 1.14 -10.43 7.29
CA PRO A 107 1.59 -10.72 5.91
C PRO A 107 0.67 -10.09 4.87
N SER A 108 -0.51 -9.66 5.31
CA SER A 108 -1.54 -9.17 4.42
C SER A 108 -1.84 -7.70 4.71
N PRO A 109 -1.79 -6.83 3.70
CA PRO A 109 -2.24 -5.44 3.90
C PRO A 109 -3.74 -5.29 3.97
N VAL A 110 -4.50 -6.36 3.71
CA VAL A 110 -5.95 -6.36 3.81
C VAL A 110 -6.36 -7.64 4.54
N VAL A 111 -7.01 -7.48 5.70
CA VAL A 111 -7.36 -8.59 6.57
C VAL A 111 -8.87 -8.62 6.75
N THR A 112 -9.42 -9.84 6.85
CA THR A 112 -10.84 -10.00 7.11
C THR A 112 -11.22 -9.37 8.44
N SER A 113 -12.51 -9.08 8.59
CA SER A 113 -13.02 -8.39 9.76
C SER A 113 -12.88 -9.27 11.00
N GLY A 114 -12.10 -8.82 11.98
CA GLY A 114 -11.93 -9.53 13.23
C GLY A 114 -10.53 -10.03 13.50
N GLY A 115 -9.62 -9.97 12.53
CA GLY A 115 -8.26 -10.45 12.72
C GLY A 115 -7.29 -9.32 12.99
N ARG A 116 -6.27 -9.62 13.79
CA ARG A 116 -5.23 -8.67 14.14
C ARG A 116 -4.03 -8.87 13.20
N VAL A 117 -3.67 -7.82 12.47
CA VAL A 117 -2.58 -7.89 11.51
C VAL A 117 -1.29 -7.45 12.19
N THR A 118 -0.17 -7.95 11.68
CA THR A 118 1.15 -7.56 12.14
C THR A 118 1.72 -6.50 11.21
N LEU A 119 2.34 -5.47 11.79
CA LEU A 119 2.98 -4.42 11.02
C LEU A 119 4.47 -4.39 11.35
N GLN A 120 5.25 -3.80 10.44
CA GLN A 120 6.67 -3.63 10.66
C GLN A 120 7.17 -2.46 9.84
N CYS A 121 8.10 -1.70 10.40
CA CYS A 121 8.79 -0.63 9.71
C CYS A 121 10.25 -1.04 9.52
N GLU A 122 10.76 -0.86 8.31
CA GLU A 122 12.12 -1.28 7.99
C GLU A 122 12.90 -0.10 7.44
N SER A 123 14.21 -0.12 7.71
CA SER A 123 15.09 0.96 7.26
C SER A 123 16.51 0.41 7.15
N GLN A 124 17.29 1.07 6.29
CA GLN A 124 18.69 0.68 6.14
C GLN A 124 19.51 1.09 7.36
N VAL A 125 19.38 2.35 7.79
CA VAL A 125 20.09 2.81 8.97
C VAL A 125 19.53 2.13 10.21
N ALA A 126 20.33 2.12 11.26
CA ALA A 126 19.97 1.49 12.53
C ALA A 126 19.39 2.55 13.47
N PHE A 127 18.15 2.34 13.90
CA PHE A 127 17.50 3.19 14.87
C PHE A 127 17.36 2.46 16.20
N GLY A 128 17.18 3.24 17.27
CA GLY A 128 16.99 2.67 18.59
C GLY A 128 15.60 2.08 18.78
N GLY A 129 14.58 2.80 18.32
CA GLY A 129 13.21 2.35 18.46
C GLY A 129 12.33 3.00 17.43
N PHE A 130 11.14 2.42 17.26
CA PHE A 130 10.18 2.89 16.27
C PHE A 130 8.89 3.35 16.96
N ILE A 131 8.13 4.17 16.24
CA ILE A 131 6.86 4.70 16.71
C ILE A 131 5.81 4.45 15.63
N LEU A 132 4.62 4.01 16.04
CA LEU A 132 3.50 3.80 15.13
C LEU A 132 2.35 4.71 15.53
N CYS A 133 2.06 5.71 14.70
CA CYS A 133 1.00 6.66 14.95
C CYS A 133 -0.17 6.43 14.00
N LYS A 134 -1.38 6.44 14.55
CA LYS A 134 -2.59 6.27 13.75
C LYS A 134 -3.12 7.63 13.33
N GLU A 135 -3.72 7.66 12.14
CA GLU A 135 -4.32 8.88 11.62
C GLU A 135 -5.74 8.62 11.10
N GLN A 142 -2.62 9.15 18.83
CA GLN A 142 -2.41 7.99 19.69
C GLN A 142 -1.25 7.13 19.20
N CYS A 143 -0.03 7.55 19.52
CA CYS A 143 1.17 6.86 19.07
C CYS A 143 1.60 5.82 20.10
N LEU A 144 2.11 4.69 19.60
CA LEU A 144 2.64 3.62 20.44
C LEU A 144 3.96 3.15 19.85
N ASN A 145 4.95 2.97 20.70
CA ASN A 145 6.31 2.65 20.28
C ASN A 145 6.61 1.17 20.49
N SER A 146 7.77 0.76 20.00
CA SER A 146 8.29 -0.54 20.34
C SER A 146 8.92 -0.50 21.74
N GLN A 147 9.31 -1.67 22.22
CA GLN A 147 10.05 -1.73 23.48
C GLN A 147 11.33 -0.92 23.32
N PRO A 148 11.76 -0.21 24.36
CA PRO A 148 12.98 0.60 24.21
C PRO A 148 14.22 -0.27 24.14
N HIS A 149 14.81 -0.36 22.96
CA HIS A 149 15.97 -1.19 22.71
C HIS A 149 17.25 -0.46 23.07
N ALA A 150 18.28 -1.23 23.43
CA ALA A 150 19.59 -0.67 23.77
C ALA A 150 20.53 -0.65 22.57
N ARG A 151 20.75 -1.81 21.95
CA ARG A 151 21.65 -1.87 20.80
C ARG A 151 21.06 -1.19 19.58
N GLY A 152 19.86 -1.62 19.18
CA GLY A 152 19.19 -1.02 18.04
C GLY A 152 19.01 -1.98 16.87
N SER A 153 17.77 -2.14 16.42
CA SER A 153 17.46 -3.02 15.29
C SER A 153 17.16 -2.19 14.05
N SER A 154 17.21 -2.87 12.90
CA SER A 154 16.86 -2.23 11.63
C SER A 154 15.37 -2.24 11.36
N ARG A 155 14.62 -3.16 11.96
CA ARG A 155 13.17 -3.18 11.84
C ARG A 155 12.57 -3.69 13.13
N ALA A 156 11.35 -3.23 13.42
CA ALA A 156 10.61 -3.61 14.61
C ALA A 156 9.22 -4.11 14.21
N ILE A 157 8.65 -4.95 15.07
CA ILE A 157 7.40 -5.65 14.79
C ILE A 157 6.31 -5.09 15.69
N PHE A 158 5.17 -4.75 15.09
CA PHE A 158 3.99 -4.30 15.82
C PHE A 158 2.83 -5.23 15.53
N SER A 159 1.85 -5.25 16.44
CA SER A 159 0.69 -6.12 16.32
C SER A 159 -0.56 -5.31 16.67
N VAL A 160 -1.24 -4.81 15.65
CA VAL A 160 -2.44 -4.01 15.83
C VAL A 160 -3.66 -4.89 15.57
N GLY A 161 -4.75 -4.62 16.28
CA GLY A 161 -5.96 -5.39 16.15
C GLY A 161 -6.71 -5.51 17.46
N PRO A 162 -8.01 -5.89 17.39
CA PRO A 162 -8.75 -6.21 16.16
C PRO A 162 -9.15 -4.98 15.34
N VAL A 163 -9.89 -5.21 14.26
CA VAL A 163 -10.22 -4.14 13.33
C VAL A 163 -11.55 -3.51 13.73
N SER A 164 -11.74 -2.26 13.29
CA SER A 164 -12.99 -1.54 13.47
C SER A 164 -13.48 -1.07 12.11
N PRO A 165 -14.57 -1.62 11.58
CA PRO A 165 -15.00 -1.26 10.22
C PRO A 165 -15.42 0.20 10.08
N ASN A 166 -15.83 0.86 11.16
CA ASN A 166 -16.33 2.23 11.04
C ASN A 166 -15.21 3.27 11.00
N ARG A 167 -14.01 2.93 11.45
CA ARG A 167 -12.91 3.88 11.54
C ARG A 167 -11.92 3.68 10.40
N ARG A 168 -11.12 4.70 10.16
CA ARG A 168 -10.08 4.67 9.14
C ARG A 168 -8.78 4.17 9.77
N TRP A 169 -8.31 3.01 9.33
CA TRP A 169 -7.10 2.40 9.88
C TRP A 169 -5.84 2.86 9.13
N SER A 170 -5.67 4.18 9.05
CA SER A 170 -4.45 4.74 8.50
C SER A 170 -3.34 4.69 9.55
N HIS A 171 -2.12 4.43 9.10
CA HIS A 171 -0.98 4.32 9.99
C HIS A 171 0.23 5.01 9.37
N ARG A 172 1.15 5.45 10.24
CA ARG A 172 2.35 6.15 9.83
C ARG A 172 3.43 5.86 10.87
N CYS A 173 4.64 5.55 10.41
CA CYS A 173 5.69 5.06 11.28
C CYS A 173 6.87 6.02 11.31
N TYR A 174 7.46 6.18 12.51
CA TYR A 174 8.64 7.00 12.74
C TYR A 174 9.75 6.15 13.35
N GLY A 175 10.95 6.70 13.36
CA GLY A 175 12.08 6.07 14.02
C GLY A 175 12.88 7.08 14.79
N TYR A 176 13.45 6.64 15.91
CA TYR A 176 14.16 7.55 16.81
C TYR A 176 15.40 6.89 17.37
N ASP A 177 16.37 7.72 17.75
CA ASP A 177 17.57 7.28 18.43
C ASP A 177 17.30 7.17 19.93
N LEU A 178 18.04 6.28 20.59
CA LEU A 178 17.80 6.04 22.01
C LEU A 178 18.24 7.23 22.87
N ASN A 179 19.34 7.88 22.50
CA ASN A 179 19.83 9.04 23.25
C ASN A 179 18.99 10.29 23.05
N SER A 180 17.96 10.24 22.19
CA SER A 180 17.05 11.36 21.99
C SER A 180 15.68 10.82 21.60
N PRO A 181 14.94 10.25 22.55
CA PRO A 181 13.64 9.64 22.22
C PRO A 181 12.58 10.64 21.80
N TYR A 182 12.85 11.94 21.88
CA TYR A 182 11.90 12.96 21.47
C TYR A 182 12.25 13.56 20.12
N VAL A 183 13.26 13.05 19.45
CA VAL A 183 13.67 13.51 18.12
C VAL A 183 13.48 12.34 17.17
N TRP A 184 12.44 12.42 16.33
CA TRP A 184 12.05 11.30 15.48
C TRP A 184 12.46 11.54 14.04
N SER A 185 12.27 10.51 13.22
CA SER A 185 12.66 10.52 11.82
C SER A 185 11.57 11.21 10.99
N SER A 186 11.71 11.13 9.67
CA SER A 186 10.70 11.67 8.78
C SER A 186 9.49 10.75 8.71
N PRO A 187 8.35 11.25 8.26
CA PRO A 187 7.15 10.40 8.21
C PRO A 187 7.26 9.34 7.13
N SER A 188 6.97 8.09 7.50
CA SER A 188 6.87 7.03 6.51
C SER A 188 5.66 7.27 5.62
N ASP A 189 5.65 6.59 4.48
CA ASP A 189 4.52 6.71 3.56
C ASP A 189 3.25 6.25 4.26
N LEU A 190 2.16 7.00 4.07
CA LEU A 190 0.90 6.69 4.74
C LEU A 190 0.37 5.34 4.30
N LEU A 191 0.34 4.38 5.22
CA LEU A 191 -0.15 3.04 4.94
C LEU A 191 -1.63 2.95 5.28
N GLU A 192 -2.43 2.47 4.34
CA GLU A 192 -3.86 2.26 4.55
C GLU A 192 -4.13 0.78 4.77
N LEU A 193 -4.70 0.45 5.93
CA LEU A 193 -5.28 -0.87 6.12
C LEU A 193 -6.70 -0.88 5.54
N LEU A 194 -7.27 -2.07 5.44
CA LEU A 194 -8.57 -2.19 4.79
C LEU A 194 -9.29 -3.45 5.26
N VAL A 195 -10.60 -3.32 5.44
CA VAL A 195 -11.47 -4.42 5.84
C VAL A 195 -12.57 -4.58 4.80
N PRO A 196 -12.55 -5.63 3.98
CA PRO A 196 -13.59 -5.80 2.97
C PRO A 196 -14.82 -6.48 3.53
N GLY A 197 -15.86 -6.55 2.69
CA GLY A 197 -17.09 -7.21 3.09
C GLY A 197 -18.13 -7.07 2.01
N VAL A 198 -19.33 -7.59 2.30
CA VAL A 198 -20.44 -7.48 1.37
C VAL A 198 -20.75 -6.02 1.12
N SER A 199 -21.16 -5.67 -0.10
CA SER A 199 -21.51 -6.59 -1.20
C SER A 199 -21.18 -5.93 -2.55
N LYS A 200 -21.69 -6.52 -3.64
CA LYS A 200 -21.57 -5.94 -4.98
C LYS A 200 -20.11 -5.72 -5.39
N LYS A 201 -19.38 -6.83 -5.45
CA LYS A 201 -18.01 -6.83 -5.92
C LYS A 201 -17.93 -6.22 -7.32
N PRO A 202 -16.96 -5.34 -7.56
CA PRO A 202 -16.84 -4.66 -8.85
C PRO A 202 -16.29 -5.57 -9.95
N SER A 203 -16.09 -5.01 -11.15
CA SER A 203 -15.59 -5.75 -12.29
C SER A 203 -14.24 -5.22 -12.73
N LEU A 204 -13.31 -6.13 -13.03
CA LEU A 204 -11.96 -5.80 -13.45
C LEU A 204 -11.79 -6.02 -14.94
N SER A 205 -11.13 -5.06 -15.59
CA SER A 205 -10.84 -5.15 -17.01
C SER A 205 -9.45 -4.57 -17.27
N VAL A 206 -8.80 -5.09 -18.32
CA VAL A 206 -7.42 -4.75 -18.62
C VAL A 206 -7.31 -4.28 -20.07
N GLN A 207 -6.27 -3.47 -20.33
CA GLN A 207 -5.97 -2.96 -21.65
C GLN A 207 -4.45 -2.93 -21.78
N PRO A 208 -3.88 -3.50 -22.86
CA PRO A 208 -4.60 -4.15 -23.96
C PRO A 208 -5.09 -5.57 -23.65
N GLY A 209 -4.40 -6.27 -22.75
CA GLY A 209 -4.77 -7.63 -22.41
C GLY A 209 -4.01 -8.16 -21.21
N PRO A 210 -4.49 -9.27 -20.64
CA PRO A 210 -3.84 -9.82 -19.44
C PRO A 210 -2.45 -10.40 -19.70
N VAL A 211 -2.04 -10.52 -20.96
CA VAL A 211 -0.71 -10.99 -21.32
C VAL A 211 0.07 -9.81 -21.88
N MET A 212 1.15 -9.44 -21.19
CA MET A 212 1.92 -8.25 -21.52
C MET A 212 3.38 -8.61 -21.73
N ALA A 213 4.02 -7.84 -22.61
CA ALA A 213 5.45 -7.94 -22.89
C ALA A 213 6.21 -6.86 -22.13
N PRO A 214 7.48 -7.10 -21.81
CA PRO A 214 8.28 -6.07 -21.14
C PRO A 214 8.39 -4.82 -22.00
N GLY A 215 8.57 -3.68 -21.32
CA GLY A 215 8.59 -2.38 -21.98
C GLY A 215 7.21 -1.79 -22.17
N GLU A 216 6.26 -2.62 -22.59
CA GLU A 216 4.88 -2.18 -22.70
C GLU A 216 4.32 -1.86 -21.31
N SER A 217 3.35 -0.96 -21.28
CA SER A 217 2.62 -0.65 -20.05
C SER A 217 1.16 -1.04 -20.22
N LEU A 218 0.50 -1.26 -19.08
CA LEU A 218 -0.90 -1.64 -19.08
C LEU A 218 -1.70 -0.65 -18.24
N THR A 219 -2.97 -0.49 -18.60
CA THR A 219 -3.90 0.36 -17.87
C THR A 219 -5.09 -0.47 -17.45
N LEU A 220 -5.46 -0.37 -16.18
CA LEU A 220 -6.52 -1.19 -15.59
C LEU A 220 -7.80 -0.38 -15.46
N GLN A 221 -8.89 -1.08 -15.19
CA GLN A 221 -10.19 -0.44 -15.05
C GLN A 221 -11.04 -1.26 -14.11
N CYS A 222 -11.53 -0.62 -13.04
CA CYS A 222 -12.35 -1.27 -12.03
C CYS A 222 -13.68 -0.52 -11.97
N VAL A 223 -14.76 -1.21 -12.30
CA VAL A 223 -16.08 -0.58 -12.49
C VAL A 223 -17.08 -1.23 -11.55
N SER A 224 -17.94 -0.41 -10.96
CA SER A 224 -19.03 -0.87 -10.12
C SER A 224 -20.19 0.10 -10.23
N ASP A 225 -21.41 -0.44 -10.38
CA ASP A 225 -22.58 0.42 -10.54
C ASP A 225 -22.93 1.14 -9.24
N VAL A 226 -22.70 0.49 -8.10
CA VAL A 226 -22.89 1.15 -6.82
C VAL A 226 -21.83 2.23 -6.65
N GLY A 227 -22.25 3.37 -6.11
CA GLY A 227 -21.42 4.56 -6.07
C GLY A 227 -20.32 4.56 -5.02
N TYR A 228 -19.34 3.68 -5.18
CA TYR A 228 -18.22 3.65 -4.25
C TYR A 228 -17.30 4.83 -4.51
N ASP A 229 -16.72 5.38 -3.44
CA ASP A 229 -15.95 6.61 -3.59
C ASP A 229 -14.54 6.35 -4.11
N ARG A 230 -13.75 5.56 -3.37
CA ARG A 230 -12.39 5.21 -3.76
C ARG A 230 -12.29 3.73 -4.09
N PHE A 231 -11.30 3.40 -4.93
CA PHE A 231 -11.04 2.02 -5.33
C PHE A 231 -9.65 1.60 -4.90
N VAL A 232 -9.51 0.33 -4.52
CA VAL A 232 -8.25 -0.21 -4.02
C VAL A 232 -7.93 -1.49 -4.81
N LEU A 233 -6.66 -1.67 -5.12
CA LEU A 233 -6.19 -2.82 -5.90
C LEU A 233 -4.89 -3.33 -5.30
N TYR A 234 -4.75 -4.65 -5.19
CA TYR A 234 -3.54 -5.22 -4.61
C TYR A 234 -3.32 -6.62 -5.18
N LYS A 235 -2.13 -7.15 -4.90
CA LYS A 235 -1.69 -8.44 -5.42
C LYS A 235 -1.52 -9.40 -4.26
N GLU A 236 -2.05 -10.61 -4.41
CA GLU A 236 -1.83 -11.65 -3.40
C GLU A 236 -0.34 -11.93 -3.28
N GLY A 237 0.21 -11.74 -2.08
CA GLY A 237 1.63 -11.84 -1.87
C GLY A 237 2.24 -10.47 -1.67
N GLU A 238 1.73 -9.48 -2.39
CA GLU A 238 2.16 -8.10 -2.20
C GLU A 238 1.68 -7.60 -0.84
N ARG A 239 2.51 -6.80 -0.18
CA ARG A 239 2.32 -6.43 1.22
C ARG A 239 1.90 -4.98 1.41
N ASP A 240 1.82 -4.19 0.35
CA ASP A 240 1.30 -2.84 0.40
C ASP A 240 0.20 -2.67 -0.64
N LEU A 241 -0.55 -1.58 -0.53
CA LEU A 241 -1.72 -1.33 -1.37
C LEU A 241 -1.46 -0.14 -2.28
N ARG A 242 -2.47 0.17 -3.11
CA ARG A 242 -2.49 1.38 -3.90
C ARG A 242 -3.91 1.89 -3.96
N GLN A 243 -4.10 3.17 -3.64
CA GLN A 243 -5.41 3.78 -3.52
C GLN A 243 -5.56 4.88 -4.55
N LEU A 244 -6.77 5.01 -5.12
CA LEU A 244 -7.08 6.08 -6.04
C LEU A 244 -8.57 6.41 -5.95
N PRO A 245 -8.93 7.65 -5.65
CA PRO A 245 -10.36 8.01 -5.53
C PRO A 245 -11.06 7.91 -6.87
N GLY A 246 -12.11 7.10 -6.92
CA GLY A 246 -12.85 6.88 -8.14
C GLY A 246 -13.95 7.91 -8.36
N ARG A 247 -14.23 8.19 -9.63
CA ARG A 247 -15.26 9.13 -10.03
C ARG A 247 -16.27 8.41 -10.92
N GLN A 248 -17.33 9.13 -11.31
CA GLN A 248 -18.40 8.59 -12.14
C GLN A 248 -18.53 9.43 -13.41
N PRO A 249 -17.63 9.25 -14.38
CA PRO A 249 -17.82 9.94 -15.67
C PRO A 249 -19.06 9.47 -16.42
N GLN A 250 -19.47 8.23 -16.22
CA GLN A 250 -20.70 7.71 -16.80
C GLN A 250 -21.88 7.91 -15.84
N ALA A 251 -23.09 7.76 -16.37
CA ALA A 251 -24.31 7.98 -15.60
C ALA A 251 -24.69 6.66 -14.92
N GLY A 252 -24.23 6.48 -13.69
CA GLY A 252 -24.58 5.33 -12.89
C GLY A 252 -23.49 4.30 -12.71
N LEU A 253 -22.28 4.54 -13.24
CA LEU A 253 -21.18 3.59 -13.15
C LEU A 253 -19.93 4.31 -12.68
N SER A 254 -19.35 3.85 -11.58
CA SER A 254 -18.07 4.35 -11.11
C SER A 254 -16.94 3.57 -11.78
N GLN A 255 -15.88 4.28 -12.14
CA GLN A 255 -14.73 3.67 -12.80
C GLN A 255 -13.45 4.30 -12.26
N ALA A 256 -12.32 3.68 -12.60
CA ALA A 256 -11.01 4.18 -12.21
C ALA A 256 -9.98 3.58 -13.17
N ASN A 257 -9.08 4.43 -13.68
CA ASN A 257 -8.07 4.00 -14.63
C ASN A 257 -6.74 3.88 -13.89
N PHE A 258 -6.43 2.67 -13.43
CA PHE A 258 -5.17 2.37 -12.75
C PHE A 258 -4.09 2.17 -13.80
N THR A 259 -3.21 3.17 -13.94
CA THR A 259 -2.19 3.16 -14.99
C THR A 259 -0.84 2.84 -14.36
N LEU A 260 -0.46 1.56 -14.43
CA LEU A 260 0.87 1.14 -14.02
C LEU A 260 1.86 1.37 -15.15
N GLY A 261 3.10 1.68 -14.77
CA GLY A 261 4.12 2.07 -15.71
C GLY A 261 4.63 0.90 -16.54
N PRO A 262 5.86 1.03 -17.04
CA PRO A 262 6.43 -0.05 -17.87
C PRO A 262 6.49 -1.36 -17.11
N VAL A 263 6.01 -2.42 -17.76
CA VAL A 263 5.83 -3.70 -17.09
C VAL A 263 7.17 -4.42 -16.99
N SER A 264 7.46 -4.97 -15.82
CA SER A 264 8.66 -5.76 -15.54
C SER A 264 8.26 -7.10 -14.95
N ARG A 265 9.25 -7.88 -14.51
CA ARG A 265 8.97 -9.20 -13.95
C ARG A 265 8.11 -9.11 -12.69
N SER A 266 8.30 -8.06 -11.89
CA SER A 266 7.62 -7.97 -10.60
C SER A 266 6.14 -7.65 -10.73
N TYR A 267 5.69 -7.17 -11.88
CA TYR A 267 4.28 -6.80 -12.04
C TYR A 267 3.37 -8.00 -12.29
N GLY A 268 3.93 -9.18 -12.59
CA GLY A 268 3.09 -10.35 -12.84
C GLY A 268 2.53 -10.90 -11.55
N GLY A 269 1.23 -11.15 -11.53
CA GLY A 269 0.58 -11.70 -10.36
C GLY A 269 -0.92 -11.60 -10.47
N GLN A 270 -1.59 -12.11 -9.44
CA GLN A 270 -3.04 -12.12 -9.34
C GLN A 270 -3.50 -10.82 -8.68
N TYR A 271 -4.23 -10.00 -9.42
CA TYR A 271 -4.69 -8.71 -8.94
C TYR A 271 -6.18 -8.77 -8.61
N ARG A 272 -6.56 -8.11 -7.52
CA ARG A 272 -7.95 -8.01 -7.10
C ARG A 272 -8.29 -6.55 -6.79
N CYS A 273 -9.47 -6.11 -7.24
CA CYS A 273 -9.96 -4.78 -6.97
C CYS A 273 -11.25 -4.86 -6.15
N TYR A 274 -11.48 -3.82 -5.35
CA TYR A 274 -12.73 -3.65 -4.64
C TYR A 274 -12.82 -2.23 -4.12
N GLY A 275 -14.04 -1.69 -4.08
CA GLY A 275 -14.27 -0.30 -3.77
C GLY A 275 -14.63 -0.06 -2.31
N ALA A 276 -14.73 1.23 -1.97
CA ALA A 276 -15.05 1.67 -0.62
C ALA A 276 -15.52 3.11 -0.66
N HIS A 277 -16.09 3.56 0.46
CA HIS A 277 -16.45 4.96 0.61
C HIS A 277 -15.32 5.71 1.34
N ASN A 278 -15.29 7.03 1.13
CA ASN A 278 -14.18 7.85 1.63
C ASN A 278 -14.00 7.71 3.14
N LEU A 279 -15.02 8.08 3.91
CA LEU A 279 -14.85 8.25 5.35
C LEU A 279 -14.86 6.93 6.11
N SER A 280 -15.59 5.93 5.63
CA SER A 280 -15.66 4.66 6.32
C SER A 280 -14.60 3.70 5.76
N SER A 281 -14.50 2.53 6.40
CA SER A 281 -13.61 1.47 5.94
C SER A 281 -14.35 0.15 5.71
N GLU A 282 -15.67 0.17 5.65
CA GLU A 282 -16.46 -0.99 5.26
C GLU A 282 -16.48 -1.04 3.74
N CYS A 283 -15.71 -1.95 3.15
CA CYS A 283 -15.44 -1.94 1.72
C CYS A 283 -16.18 -3.06 1.02
N SER A 284 -16.23 -2.93 -0.32
CA SER A 284 -16.96 -3.87 -1.15
C SER A 284 -16.29 -5.24 -1.17
N ALA A 285 -17.05 -6.24 -1.60
CA ALA A 285 -16.53 -7.59 -1.73
C ALA A 285 -15.44 -7.64 -2.79
N PRO A 286 -14.46 -8.52 -2.65
CA PRO A 286 -13.38 -8.60 -3.64
C PRO A 286 -13.91 -9.05 -4.99
N SER A 287 -13.52 -8.32 -6.03
CA SER A 287 -13.94 -8.66 -7.39
C SER A 287 -13.34 -10.00 -7.80
N ASP A 288 -13.89 -10.56 -8.88
CA ASP A 288 -13.33 -11.79 -9.43
C ASP A 288 -11.90 -11.53 -9.87
N PRO A 289 -10.95 -12.38 -9.48
CA PRO A 289 -9.53 -12.06 -9.70
C PRO A 289 -9.18 -12.04 -11.18
N LEU A 290 -8.20 -11.19 -11.51
CA LEU A 290 -7.66 -11.08 -12.85
C LEU A 290 -6.16 -11.36 -12.77
N ASP A 291 -5.70 -12.35 -13.51
CA ASP A 291 -4.29 -12.73 -13.50
C ASP A 291 -3.53 -11.97 -14.57
N ILE A 292 -2.43 -11.34 -14.17
CA ILE A 292 -1.53 -10.64 -15.07
C ILE A 292 -0.30 -11.51 -15.30
N LEU A 293 0.04 -11.71 -16.57
CA LEU A 293 1.12 -12.60 -16.96
C LEU A 293 2.18 -11.83 -17.73
N ILE A 294 3.44 -12.22 -17.54
CA ILE A 294 4.57 -11.54 -18.17
C ILE A 294 5.28 -12.52 -19.09
N THR A 295 5.67 -12.04 -20.26
CA THR A 295 6.33 -12.86 -21.27
C THR A 295 7.83 -12.65 -21.24
N GLY A 296 8.55 -13.56 -21.90
CA GLY A 296 9.99 -13.46 -22.01
C GLY A 296 10.74 -13.52 -20.71
N GLN A 297 10.13 -14.07 -19.65
CA GLN A 297 10.76 -14.15 -18.35
C GLN A 297 11.35 -15.53 -18.04
N ILE A 298 10.99 -16.56 -18.82
CA ILE A 298 11.57 -17.88 -18.69
C ILE A 298 12.09 -18.32 -20.05
N ARG A 299 13.04 -19.25 -20.03
CA ARG A 299 13.72 -19.68 -21.24
C ARG A 299 12.78 -20.51 -22.11
N GLY A 300 13.24 -20.79 -23.33
CA GLY A 300 12.46 -21.58 -24.27
C GLY A 300 11.48 -20.73 -25.06
N THR A 301 11.17 -21.16 -26.28
CA THR A 301 10.19 -20.47 -27.11
C THR A 301 9.45 -21.48 -27.99
N PRO A 302 8.14 -21.63 -27.80
CA PRO A 302 7.37 -22.62 -28.57
C PRO A 302 6.88 -22.05 -29.90
N PHE A 303 6.57 -22.97 -30.82
CA PHE A 303 5.98 -22.61 -32.10
C PHE A 303 4.66 -23.35 -32.27
N ILE A 304 3.74 -22.74 -33.02
CA ILE A 304 2.37 -23.21 -33.13
C ILE A 304 2.12 -23.70 -34.56
N SER A 305 1.23 -24.68 -34.67
CA SER A 305 0.80 -25.23 -35.96
C SER A 305 -0.71 -25.47 -35.89
N VAL A 306 -1.29 -25.79 -37.04
CA VAL A 306 -2.73 -26.00 -37.16
C VAL A 306 -3.00 -27.41 -37.65
N GLN A 307 -4.28 -27.79 -37.61
CA GLN A 307 -4.77 -29.03 -38.17
C GLN A 307 -6.28 -28.91 -38.42
N PRO A 308 -6.77 -29.19 -39.64
CA PRO A 308 -5.98 -29.61 -40.81
C PRO A 308 -5.28 -28.44 -41.51
N GLY A 309 -5.91 -27.27 -41.54
CA GLY A 309 -5.34 -26.11 -42.19
C GLY A 309 -5.92 -24.81 -41.70
N PRO A 310 -5.28 -23.69 -42.04
CA PRO A 310 -5.77 -22.37 -41.63
C PRO A 310 -6.95 -21.85 -42.41
N THR A 311 -7.57 -22.67 -43.27
CA THR A 311 -8.80 -22.31 -43.95
C THR A 311 -9.96 -23.03 -43.26
N VAL A 312 -10.93 -22.27 -42.79
CA VAL A 312 -11.99 -22.79 -41.93
C VAL A 312 -13.34 -22.46 -42.56
N ALA A 313 -14.22 -23.46 -42.61
CA ALA A 313 -15.61 -23.28 -42.99
C ALA A 313 -16.47 -23.42 -41.74
N SER A 314 -17.49 -22.57 -41.63
CA SER A 314 -18.35 -22.58 -40.45
C SER A 314 -19.09 -23.91 -40.34
N GLY A 315 -18.76 -24.68 -39.30
CA GLY A 315 -19.30 -26.02 -39.15
C GLY A 315 -18.24 -27.10 -39.26
N GLU A 316 -17.01 -26.76 -38.87
CA GLU A 316 -15.86 -27.64 -39.02
C GLU A 316 -15.12 -27.75 -37.69
N ASN A 317 -14.45 -28.88 -37.49
CA ASN A 317 -13.68 -29.15 -36.28
C ASN A 317 -12.19 -28.91 -36.59
N VAL A 318 -11.64 -27.86 -36.01
CA VAL A 318 -10.24 -27.47 -36.19
C VAL A 318 -9.56 -27.53 -34.83
N THR A 319 -8.28 -27.93 -34.83
CA THR A 319 -7.50 -28.03 -33.61
C THR A 319 -6.19 -27.29 -33.78
N LEU A 320 -5.85 -26.43 -32.81
CA LEU A 320 -4.52 -25.85 -32.74
C LEU A 320 -3.65 -26.70 -31.83
N LEU A 321 -2.33 -26.46 -31.91
CA LEU A 321 -1.39 -27.15 -31.04
C LEU A 321 -0.08 -26.37 -31.03
N CYS A 322 0.53 -26.30 -29.85
CA CYS A 322 1.85 -25.68 -29.68
C CYS A 322 2.86 -26.75 -29.29
N GLN A 323 4.00 -26.74 -29.95
CA GLN A 323 5.10 -27.65 -29.65
C GLN A 323 6.26 -26.88 -29.05
N SER A 324 7.05 -27.58 -28.24
CA SER A 324 8.25 -27.00 -27.67
C SER A 324 9.26 -28.11 -27.38
N TRP A 325 10.53 -27.73 -27.36
CA TRP A 325 11.59 -28.66 -26.99
C TRP A 325 11.92 -28.60 -25.51
N ARG A 326 11.82 -27.42 -24.89
CA ARG A 326 12.10 -27.28 -23.47
C ARG A 326 10.91 -27.72 -22.64
N GLN A 327 11.20 -28.17 -21.42
CA GLN A 327 10.13 -28.60 -20.52
C GLN A 327 9.18 -27.45 -20.22
N PHE A 328 7.91 -27.67 -20.50
CA PHE A 328 6.84 -26.77 -20.08
C PHE A 328 5.77 -27.57 -19.36
N HIS A 329 5.17 -26.95 -18.36
CA HIS A 329 4.12 -27.61 -17.59
C HIS A 329 2.72 -27.24 -18.08
N THR A 330 2.52 -25.99 -18.48
CA THR A 330 1.24 -25.53 -19.00
C THR A 330 1.49 -24.62 -20.19
N PHE A 331 0.62 -24.70 -21.20
CA PHE A 331 0.66 -23.84 -22.36
C PHE A 331 -0.53 -22.89 -22.34
N LEU A 332 -0.38 -21.77 -23.04
CA LEU A 332 -1.41 -20.74 -23.08
C LEU A 332 -1.67 -20.33 -24.53
N LEU A 333 -2.92 -20.00 -24.83
CA LEU A 333 -3.33 -19.53 -26.14
C LEU A 333 -3.96 -18.15 -25.98
N THR A 334 -3.41 -17.16 -26.68
CA THR A 334 -3.86 -15.78 -26.60
C THR A 334 -4.25 -15.30 -27.99
N LYS A 335 -5.48 -14.81 -28.12
CA LYS A 335 -5.92 -14.18 -29.34
C LYS A 335 -5.48 -12.71 -29.36
N ALA A 336 -5.35 -12.17 -30.56
CA ALA A 336 -5.07 -10.75 -30.71
C ALA A 336 -6.22 -9.93 -30.10
N GLY A 337 -5.97 -8.64 -29.93
CA GLY A 337 -6.92 -7.74 -29.30
C GLY A 337 -8.32 -7.81 -29.89
N ALA A 338 -9.31 -7.98 -29.03
CA ALA A 338 -9.10 -8.06 -27.59
C ALA A 338 -9.03 -9.50 -27.10
N ALA A 339 -7.96 -9.84 -26.37
CA ALA A 339 -7.89 -11.15 -25.71
C ALA A 339 -8.67 -11.12 -24.42
N ASP A 340 -9.47 -12.16 -24.19
CA ASP A 340 -10.36 -12.11 -23.04
C ASP A 340 -10.05 -13.12 -21.94
N ALA A 341 -9.94 -14.43 -22.23
CA ALA A 341 -9.76 -15.36 -21.11
C ALA A 341 -8.41 -15.23 -20.40
N PRO A 342 -7.25 -15.49 -21.05
CA PRO A 342 -6.97 -16.29 -22.26
C PRO A 342 -6.90 -17.79 -21.88
N LEU A 343 -6.73 -18.69 -22.85
CA LEU A 343 -6.82 -20.12 -22.56
C LEU A 343 -5.52 -20.66 -21.97
N ARG A 344 -5.65 -21.75 -21.22
CA ARG A 344 -4.50 -22.43 -20.63
C ARG A 344 -4.80 -23.92 -20.49
N LEU A 345 -3.95 -24.76 -21.06
CA LEU A 345 -4.02 -26.21 -20.88
C LEU A 345 -2.64 -26.75 -20.56
N ARG A 346 -2.60 -27.81 -19.75
CA ARG A 346 -1.32 -28.41 -19.39
C ARG A 346 -0.69 -29.09 -20.60
N SER A 347 0.62 -29.31 -20.51
CA SER A 347 1.40 -29.85 -21.60
C SER A 347 1.10 -31.34 -21.81
N ILE A 348 1.71 -31.90 -22.85
CA ILE A 348 1.64 -33.33 -23.13
C ILE A 348 2.99 -33.74 -23.68
N HIS A 349 3.65 -34.70 -23.01
CA HIS A 349 5.00 -35.11 -23.40
C HIS A 349 4.90 -36.11 -24.55
N GLU A 350 4.78 -35.56 -25.77
CA GLU A 350 4.82 -36.33 -27.00
C GLU A 350 6.27 -36.32 -27.47
N TYR A 351 7.02 -37.36 -27.12
CA TYR A 351 8.46 -37.38 -27.35
C TYR A 351 8.75 -37.09 -28.83
N PRO A 352 9.76 -36.26 -29.12
CA PRO A 352 10.59 -35.60 -28.10
C PRO A 352 10.20 -34.14 -27.84
N LYS A 353 8.93 -33.79 -27.99
CA LYS A 353 8.46 -32.43 -27.79
C LYS A 353 7.40 -32.38 -26.70
N TYR A 354 7.06 -31.16 -26.28
CA TYR A 354 5.99 -30.92 -25.33
C TYR A 354 4.88 -30.16 -26.05
N GLN A 355 3.75 -30.83 -26.26
CA GLN A 355 2.65 -30.26 -27.03
C GLN A 355 1.40 -30.12 -26.18
N ALA A 356 0.43 -29.38 -26.71
CA ALA A 356 -0.86 -29.20 -26.05
C ALA A 356 -1.88 -28.81 -27.11
N GLU A 357 -2.83 -29.70 -27.37
CA GLU A 357 -3.86 -29.43 -28.37
C GLU A 357 -4.90 -28.46 -27.83
N PHE A 358 -5.15 -27.38 -28.57
CA PHE A 358 -6.19 -26.43 -28.24
C PHE A 358 -7.38 -26.62 -29.18
N PRO A 359 -8.34 -27.46 -28.81
CA PRO A 359 -9.44 -27.77 -29.72
C PRO A 359 -10.35 -26.57 -29.95
N MET A 360 -11.01 -26.60 -31.10
CA MET A 360 -11.88 -25.53 -31.60
C MET A 360 -13.24 -26.11 -32.02
N SER A 361 -13.79 -26.98 -31.16
CA SER A 361 -14.99 -27.78 -31.34
C SER A 361 -16.12 -26.89 -31.86
N PRO A 362 -17.07 -27.45 -32.65
CA PRO A 362 -17.43 -26.84 -33.95
C PRO A 362 -17.50 -25.33 -33.99
N VAL A 363 -16.80 -24.77 -34.98
CA VAL A 363 -16.38 -23.38 -35.03
C VAL A 363 -17.52 -22.44 -35.40
N THR A 364 -17.28 -21.15 -35.16
CA THR A 364 -18.19 -20.05 -35.50
C THR A 364 -17.40 -19.03 -36.31
N SER A 365 -18.00 -17.88 -36.59
CA SER A 365 -17.32 -16.81 -37.28
C SER A 365 -16.39 -16.03 -36.35
N ALA A 366 -16.54 -16.20 -35.03
CA ALA A 366 -15.74 -15.48 -34.04
C ALA A 366 -14.38 -16.13 -33.79
N HIS A 367 -14.18 -17.38 -34.22
CA HIS A 367 -12.89 -18.05 -34.03
C HIS A 367 -11.81 -17.54 -34.97
N ALA A 368 -12.12 -16.59 -35.85
CA ALA A 368 -11.13 -16.05 -36.76
C ALA A 368 -10.31 -14.96 -36.08
N GLY A 369 -9.05 -14.83 -36.50
CA GLY A 369 -8.17 -13.83 -35.94
C GLY A 369 -6.73 -14.31 -35.80
N THR A 370 -5.87 -13.46 -35.24
CA THR A 370 -4.47 -13.81 -35.03
C THR A 370 -4.30 -14.45 -33.65
N TYR A 371 -3.65 -15.60 -33.61
CA TYR A 371 -3.43 -16.34 -32.38
C TYR A 371 -1.93 -16.54 -32.14
N ARG A 372 -1.52 -16.39 -30.89
CA ARG A 372 -0.16 -16.65 -30.46
C ARG A 372 -0.18 -17.64 -29.31
N CYS A 373 0.98 -18.25 -29.05
CA CYS A 373 1.09 -19.26 -28.01
C CYS A 373 2.21 -18.91 -27.04
N TYR A 374 2.07 -19.38 -25.80
CA TYR A 374 3.06 -19.14 -24.75
C TYR A 374 3.26 -20.42 -23.95
N GLY A 375 4.46 -20.57 -23.40
CA GLY A 375 4.78 -21.66 -22.52
C GLY A 375 4.94 -21.15 -21.09
N SER A 376 4.66 -22.02 -20.13
CA SER A 376 4.77 -21.63 -18.73
C SER A 376 5.09 -22.85 -17.88
N LEU A 377 5.62 -22.58 -16.69
CA LEU A 377 5.95 -23.60 -15.70
C LEU A 377 5.05 -23.45 -14.47
N ASN A 378 5.24 -24.35 -13.51
CA ASN A 378 4.59 -24.26 -12.22
C ASN A 378 5.53 -23.79 -11.12
N SER A 379 6.78 -23.51 -11.45
CA SER A 379 7.65 -22.80 -10.51
C SER A 379 7.08 -21.43 -10.18
N ASP A 380 6.63 -20.70 -11.20
CA ASP A 380 5.86 -19.48 -11.03
C ASP A 380 4.91 -19.35 -12.22
N PRO A 381 3.61 -19.58 -12.01
CA PRO A 381 2.68 -19.62 -13.14
C PRO A 381 2.47 -18.28 -13.83
N TYR A 382 2.83 -17.17 -13.19
CA TYR A 382 2.58 -15.84 -13.74
C TYR A 382 3.68 -15.40 -14.70
N LEU A 383 4.70 -16.23 -14.94
CA LEU A 383 5.80 -15.91 -15.85
C LEU A 383 5.70 -16.82 -17.07
N LEU A 384 5.53 -16.21 -18.24
CA LEU A 384 5.42 -16.93 -19.49
C LEU A 384 6.75 -16.96 -20.23
N SER A 385 6.79 -17.75 -21.29
CA SER A 385 7.98 -17.88 -22.13
C SER A 385 7.95 -16.80 -23.20
N HIS A 386 8.90 -16.86 -24.14
CA HIS A 386 8.87 -15.97 -25.28
C HIS A 386 7.69 -16.32 -26.19
N PRO A 387 7.09 -15.33 -26.84
CA PRO A 387 5.89 -15.61 -27.65
C PRO A 387 6.19 -16.49 -28.85
N SER A 388 5.15 -17.18 -29.30
CA SER A 388 5.24 -17.98 -30.51
C SER A 388 5.11 -17.08 -31.74
N GLU A 389 5.47 -17.63 -32.89
CA GLU A 389 5.32 -16.90 -34.14
C GLU A 389 3.83 -16.68 -34.40
N PRO A 390 3.40 -15.45 -34.67
CA PRO A 390 1.96 -15.18 -34.80
C PRO A 390 1.35 -15.95 -35.96
N LEU A 391 0.24 -16.63 -35.68
CA LEU A 391 -0.47 -17.45 -36.65
C LEU A 391 -1.84 -16.84 -36.90
N GLU A 392 -2.01 -16.23 -38.07
CA GLU A 392 -3.28 -15.61 -38.43
C GLU A 392 -4.19 -16.65 -39.07
N LEU A 393 -5.48 -16.59 -38.74
CA LEU A 393 -6.47 -17.55 -39.22
C LEU A 393 -7.64 -16.78 -39.81
N VAL A 394 -8.09 -17.20 -41.00
CA VAL A 394 -9.22 -16.58 -41.67
C VAL A 394 -10.34 -17.61 -41.82
N VAL A 395 -11.56 -17.12 -41.88
CA VAL A 395 -12.75 -17.96 -42.01
C VAL A 395 -13.62 -17.41 -43.13
N SER A 396 -14.32 -18.31 -43.81
CA SER A 396 -15.23 -17.92 -44.90
C SER A 396 -16.28 -18.99 -45.13
#